data_6IOM
#
_entry.id   6IOM
#
_cell.length_a   57.055
_cell.length_b   120.156
_cell.length_c   169.431
_cell.angle_alpha   90.00
_cell.angle_beta   90.00
_cell.angle_gamma   90.00
#
_symmetry.space_group_name_H-M   'C 2 2 21'
#
loop_
_entity.id
_entity.type
_entity.pdbx_description
1 polymer 'Ly6/PLAUR domain-containing protein 3'
2 branched 2-acetamido-2-deoxy-beta-D-glucopyranose-(1-4)-2-acetamido-2-deoxy-beta-D-glucopyranose
3 non-polymer 2-acetamido-2-deoxy-beta-D-glucopyranose
#
_entity_poly.entity_id   1
_entity_poly.type   'polypeptide(L)'
_entity_poly.pdbx_seq_one_letter_code
;LECYSCVQKADDGCSPNKMKTVKCAPGVDVCTEAVGAVETIHGQFSLAVRGCGSGLPGKNDRGLDLHGLLAFIQLQQCAQ
DRCNAKLNLTSRALDPAGNESAYPPNGVECYSCVGLSREACQGTSPPVVSCYNASDHVYKGCFDGNVTLTAANVTVSLPV
RGCVQDEFCTRDGVTGPGFTLSGSCCQGSRCNSDLRNKTYF
;
_entity_poly.pdbx_strand_id   A,B
#
# COMPACT_ATOMS: atom_id res chain seq x y z
N LEU A 1 9.20 4.00 23.65
CA LEU A 1 9.95 3.19 22.71
C LEU A 1 9.47 3.48 21.27
N GLU A 2 10.44 3.75 20.40
CA GLU A 2 10.20 4.02 18.99
C GLU A 2 10.65 2.83 18.16
N CYS A 3 9.83 2.44 17.17
CA CYS A 3 10.14 1.28 16.33
C CYS A 3 9.92 1.65 14.87
N TYR A 4 10.72 1.03 14.01
CA TYR A 4 10.41 1.09 12.60
C TYR A 4 9.08 0.40 12.36
N SER A 5 8.35 0.91 11.38
CA SER A 5 7.11 0.30 10.98
C SER A 5 7.02 0.40 9.45
N CYS A 6 6.70 -0.73 8.84
CA CYS A 6 6.67 -0.86 7.39
C CYS A 6 6.16 -2.27 7.09
N VAL A 7 5.77 -2.48 5.84
CA VAL A 7 5.18 -3.74 5.39
C VAL A 7 5.63 -3.97 3.96
N GLN A 8 6.06 -5.19 3.66
CA GLN A 8 6.59 -5.52 2.35
C GLN A 8 5.72 -6.63 1.76
N LYS A 9 5.32 -6.48 0.49
CA LYS A 9 4.27 -7.35 -0.06
C LYS A 9 4.23 -7.25 -1.59
N ALA A 10 5.08 -8.01 -2.28
CA ALA A 10 6.40 -8.43 -1.85
C ALA A 10 7.29 -7.52 -2.67
N ASP A 11 7.53 -6.32 -2.16
CA ASP A 11 8.00 -5.21 -2.99
C ASP A 11 8.94 -4.23 -2.28
N ASP A 12 8.53 -2.96 -2.26
CA ASP A 12 9.33 -1.79 -1.91
C ASP A 12 9.11 -1.29 -0.47
N GLY A 13 8.21 -1.92 0.27
CA GLY A 13 7.58 -1.27 1.42
C GLY A 13 8.48 -1.08 2.62
N CYS A 14 9.52 -1.88 2.76
CA CYS A 14 10.40 -1.76 3.92
C CYS A 14 11.75 -1.17 3.55
N SER A 15 11.78 -0.43 2.43
CA SER A 15 12.95 0.31 2.00
C SER A 15 13.32 1.38 3.03
N PRO A 16 14.59 1.80 3.05
CA PRO A 16 15.02 2.79 4.06
C PRO A 16 14.19 4.07 4.11
N ASN A 17 13.86 4.65 2.97
CA ASN A 17 13.18 5.94 2.99
C ASN A 17 11.67 5.80 2.83
N LYS A 18 11.12 4.60 3.00
CA LYS A 18 9.69 4.50 3.32
C LYS A 18 9.42 3.84 4.66
N MET A 19 10.44 3.35 5.34
CA MET A 19 10.24 2.87 6.69
C MET A 19 9.76 4.06 7.52
N LYS A 20 8.74 3.83 8.34
CA LYS A 20 8.26 4.85 9.24
C LYS A 20 8.77 4.57 10.65
N THR A 21 8.75 5.61 11.48
CA THR A 21 9.03 5.44 12.90
C THR A 21 7.75 5.76 13.66
N VAL A 22 7.27 4.79 14.43
CA VAL A 22 6.13 4.98 15.31
C VAL A 22 6.60 4.86 16.75
N LYS A 23 5.77 5.34 17.67
CA LYS A 23 6.00 5.17 19.10
C LYS A 23 5.04 4.10 19.64
N CYS A 24 5.57 3.17 20.42
CA CYS A 24 4.76 2.07 20.93
C CYS A 24 3.82 2.54 22.04
N ALA A 25 2.71 1.84 22.17
CA ALA A 25 1.76 2.07 23.25
C ALA A 25 2.42 1.87 24.63
N PRO A 26 1.88 2.50 25.67
CA PRO A 26 2.38 2.22 27.02
C PRO A 26 2.32 0.73 27.31
N GLY A 27 3.35 0.24 28.03
CA GLY A 27 3.48 -1.16 28.37
C GLY A 27 4.24 -2.01 27.38
N VAL A 28 4.34 -1.57 26.12
CA VAL A 28 5.06 -2.31 25.09
C VAL A 28 6.56 -2.05 25.23
N ASP A 29 7.37 -3.11 25.21
CA ASP A 29 8.81 -2.97 25.42
C ASP A 29 9.68 -3.54 24.29
N VAL A 30 9.10 -4.06 23.21
CA VAL A 30 9.88 -4.60 22.11
C VAL A 30 9.38 -4.09 20.76
N CYS A 31 10.32 -3.78 19.87
CA CYS A 31 10.02 -3.74 18.44
C CYS A 31 9.99 -5.17 17.89
N THR A 32 9.28 -5.35 16.78
CA THR A 32 9.27 -6.64 16.09
C THR A 32 9.78 -6.48 14.68
N GLU A 33 10.39 -7.55 14.17
CA GLU A 33 10.82 -7.64 12.78
C GLU A 33 10.51 -9.05 12.31
N ALA A 34 9.75 -9.19 11.22
CA ALA A 34 9.45 -10.50 10.67
C ALA A 34 9.66 -10.47 9.17
N VAL A 35 10.46 -11.41 8.65
CA VAL A 35 10.64 -11.56 7.22
C VAL A 35 10.34 -13.00 6.83
N GLY A 36 9.45 -13.18 5.89
CA GLY A 36 9.16 -14.52 5.43
C GLY A 36 9.51 -14.68 3.98
N ALA A 37 10.25 -15.74 3.65
CA ALA A 37 10.69 -16.03 2.29
C ALA A 37 10.00 -17.28 1.78
N VAL A 38 9.53 -17.23 0.54
CA VAL A 38 8.95 -18.40 -0.12
C VAL A 38 9.72 -18.62 -1.41
N GLU A 39 10.09 -19.87 -1.65
CA GLU A 39 10.92 -20.23 -2.79
C GLU A 39 10.25 -21.37 -3.51
N THR A 40 9.93 -21.19 -4.79
CA THR A 40 9.54 -22.30 -5.65
C THR A 40 10.63 -22.56 -6.67
N ILE A 41 10.48 -23.66 -7.40
CA ILE A 41 11.54 -24.10 -8.29
C ILE A 41 11.68 -23.14 -9.46
N HIS A 42 10.91 -22.05 -9.47
CA HIS A 42 11.02 -21.04 -10.51
C HIS A 42 11.27 -19.63 -10.01
N GLY A 43 11.13 -19.37 -8.72
CA GLY A 43 11.47 -18.07 -8.20
C GLY A 43 11.31 -18.01 -6.70
N GLN A 44 11.53 -16.82 -6.16
CA GLN A 44 11.53 -16.64 -4.72
C GLN A 44 11.17 -15.20 -4.44
N PHE A 45 10.38 -14.98 -3.37
CA PHE A 45 10.01 -13.64 -2.95
C PHE A 45 9.97 -13.59 -1.43
N SER A 46 9.83 -12.39 -0.87
CA SER A 46 9.76 -12.28 0.59
C SER A 46 8.69 -11.30 1.04
N LEU A 47 8.08 -11.62 2.19
CA LEU A 47 7.16 -10.74 2.90
C LEU A 47 7.83 -10.23 4.16
N ALA A 48 7.46 -9.04 4.59
CA ALA A 48 8.03 -8.54 5.82
C ALA A 48 7.01 -7.66 6.53
N VAL A 49 7.12 -7.64 7.86
CA VAL A 49 6.40 -6.72 8.73
C VAL A 49 7.36 -6.26 9.81
N ARG A 50 7.55 -4.96 9.94
CA ARG A 50 8.25 -4.36 11.07
C ARG A 50 7.25 -3.50 11.83
N GLY A 51 7.30 -3.54 13.15
CA GLY A 51 6.36 -2.77 13.91
C GLY A 51 6.62 -2.87 15.39
N CYS A 52 5.69 -2.33 16.17
CA CYS A 52 5.72 -2.46 17.62
C CYS A 52 5.18 -3.83 17.99
N GLY A 53 5.79 -4.46 18.99
CA GLY A 53 5.43 -5.82 19.30
C GLY A 53 4.99 -6.08 20.73
N SER A 54 5.07 -7.32 21.21
CA SER A 54 4.66 -7.65 22.56
C SER A 54 5.57 -8.73 23.12
N GLY A 55 5.29 -9.15 24.34
CA GLY A 55 6.13 -10.16 24.95
C GLY A 55 7.56 -9.67 25.12
N LEU A 56 8.46 -10.64 25.32
CA LEU A 56 9.83 -10.32 25.69
C LEU A 56 10.71 -10.31 24.45
N PRO A 57 11.97 -9.90 24.57
CA PRO A 57 12.90 -10.06 23.44
C PRO A 57 13.08 -11.54 23.12
N GLY A 58 13.62 -11.82 21.95
CA GLY A 58 13.77 -13.19 21.51
C GLY A 58 13.89 -13.29 20.00
N LYS A 59 14.08 -14.52 19.55
CA LYS A 59 14.22 -14.90 18.15
C LYS A 59 13.43 -16.18 17.92
N ASN A 60 12.91 -16.32 16.69
CA ASN A 60 12.03 -17.43 16.33
C ASN A 60 12.17 -17.65 14.83
N ASP A 61 12.96 -18.64 14.42
CA ASP A 61 13.29 -18.86 13.01
C ASP A 61 12.99 -20.30 12.61
N ARG A 62 12.29 -20.47 11.49
CA ARG A 62 11.94 -21.81 11.08
C ARG A 62 11.96 -21.89 9.57
N GLY A 63 12.54 -22.96 9.05
CA GLY A 63 12.49 -23.29 7.64
C GLY A 63 11.54 -24.46 7.41
N LEU A 64 10.70 -24.33 6.39
CA LEU A 64 9.62 -25.28 6.14
C LEU A 64 9.63 -25.76 4.70
N ASP A 65 9.05 -26.94 4.50
CA ASP A 65 8.91 -27.56 3.18
C ASP A 65 7.47 -28.05 3.06
N LEU A 66 6.72 -27.51 2.09
CA LEU A 66 5.41 -28.03 1.74
C LEU A 66 5.51 -28.56 0.32
N HIS A 67 5.70 -29.88 0.21
CA HIS A 67 5.59 -30.56 -1.07
C HIS A 67 6.54 -29.96 -2.10
N GLY A 68 7.72 -29.55 -1.65
CA GLY A 68 8.71 -28.96 -2.51
C GLY A 68 8.68 -27.46 -2.62
N LEU A 69 7.75 -26.79 -1.94
CA LEU A 69 7.85 -25.34 -1.73
C LEU A 69 8.63 -25.09 -0.44
N LEU A 70 9.64 -24.22 -0.50
CA LEU A 70 10.44 -23.87 0.67
C LEU A 70 10.01 -22.54 1.24
N ALA A 71 9.80 -22.49 2.55
CA ALA A 71 9.59 -21.23 3.25
C ALA A 71 10.65 -21.07 4.33
N PHE A 72 11.11 -19.83 4.51
CA PHE A 72 11.97 -19.48 5.63
C PHE A 72 11.43 -18.22 6.27
N ILE A 73 11.08 -18.30 7.54
CA ILE A 73 10.59 -17.14 8.25
C ILE A 73 11.54 -16.84 9.40
N GLN A 74 11.84 -15.55 9.58
CA GLN A 74 12.62 -15.03 10.68
C GLN A 74 11.80 -14.02 11.47
N LEU A 75 11.73 -14.20 12.79
CA LEU A 75 11.03 -13.28 13.70
C LEU A 75 11.98 -12.84 14.80
N GLN A 76 12.21 -11.54 14.91
CA GLN A 76 13.15 -10.96 15.86
C GLN A 76 12.46 -9.85 16.64
N GLN A 77 12.59 -9.87 17.96
CA GLN A 77 12.06 -8.82 18.84
C GLN A 77 13.17 -8.31 19.73
N CYS A 78 13.34 -7.00 19.80
CA CYS A 78 14.39 -6.38 20.58
C CYS A 78 13.85 -5.14 21.30
N ALA A 79 14.63 -4.67 22.27
CA ALA A 79 14.18 -3.71 23.28
C ALA A 79 14.83 -2.34 23.18
N GLN A 80 15.75 -2.13 22.24
CA GLN A 80 16.32 -0.80 21.99
C GLN A 80 15.49 -0.14 20.92
N ASP A 81 15.26 1.16 21.04
CA ASP A 81 14.31 1.60 20.05
C ASP A 81 14.99 1.72 18.66
N ARG A 82 14.16 1.63 17.62
CA ARG A 82 14.62 1.56 16.23
C ARG A 82 15.63 0.43 16.01
N CYS A 83 15.33 -0.74 16.58
CA CYS A 83 16.24 -1.87 16.48
C CYS A 83 15.76 -2.96 15.52
N ASN A 84 14.51 -2.89 15.07
CA ASN A 84 13.92 -3.90 14.18
C ASN A 84 14.21 -3.64 12.71
N ALA A 85 15.41 -3.18 12.37
CA ALA A 85 15.87 -3.12 10.98
C ALA A 85 17.18 -3.87 10.79
N LYS A 86 17.29 -5.07 11.36
CA LYS A 86 18.54 -5.82 11.23
C LYS A 86 18.49 -6.88 10.14
N LEU A 87 17.32 -7.42 9.82
CA LEU A 87 17.22 -8.54 8.91
C LEU A 87 17.24 -8.09 7.45
N ASN A 88 17.86 -8.92 6.61
CA ASN A 88 17.78 -8.74 5.17
C ASN A 88 16.33 -8.94 4.71
N LEU A 89 15.87 -8.06 3.85
CA LEU A 89 14.61 -8.29 3.17
C LEU A 89 14.79 -9.10 1.91
N THR A 90 15.88 -9.87 1.83
CA THR A 90 16.28 -10.63 0.65
C THR A 90 16.89 -11.95 1.08
N SER A 91 16.59 -12.99 0.32
CA SER A 91 17.18 -14.34 0.46
C SER A 91 18.61 -14.36 0.98
N ALA A 102 20.72 -26.37 -14.36
CA ALA A 102 20.10 -26.70 -15.65
C ALA A 102 19.56 -28.12 -15.63
N TYR A 103 18.25 -28.24 -15.44
CA TYR A 103 17.50 -29.48 -15.54
C TYR A 103 16.66 -29.47 -16.81
N PRO A 104 16.23 -30.64 -17.30
CA PRO A 104 15.33 -30.68 -18.46
C PRO A 104 13.88 -30.62 -18.03
N PRO A 105 12.98 -30.10 -18.88
CA PRO A 105 11.56 -30.06 -18.51
C PRO A 105 10.97 -31.46 -18.45
N ASN A 106 10.03 -31.65 -17.53
CA ASN A 106 9.17 -32.82 -17.59
C ASN A 106 7.93 -32.41 -18.39
N GLY A 107 6.88 -33.23 -18.35
CA GLY A 107 5.75 -32.96 -19.21
C GLY A 107 4.82 -31.86 -18.74
N VAL A 108 4.85 -31.53 -17.47
CA VAL A 108 3.75 -30.76 -16.91
C VAL A 108 4.14 -29.30 -16.84
N GLU A 109 3.13 -28.44 -16.99
CA GLU A 109 3.28 -27.00 -16.91
C GLU A 109 2.24 -26.47 -15.94
N CYS A 110 2.66 -25.59 -15.03
CA CYS A 110 1.78 -25.01 -14.01
C CYS A 110 1.73 -23.50 -14.13
N TYR A 111 0.67 -22.90 -13.56
CA TYR A 111 0.65 -21.47 -13.35
C TYR A 111 1.58 -21.07 -12.20
N SER A 112 2.32 -19.99 -12.40
CA SER A 112 3.33 -19.56 -11.42
C SER A 112 3.06 -18.15 -10.92
N CYS A 113 2.77 -18.03 -9.62
CA CYS A 113 2.73 -16.77 -8.90
C CYS A 113 3.78 -16.85 -7.81
N VAL A 114 4.86 -16.09 -7.95
CA VAL A 114 5.90 -16.03 -6.93
C VAL A 114 6.18 -14.57 -6.64
N GLY A 115 5.20 -13.85 -6.10
CA GLY A 115 5.37 -12.43 -5.90
C GLY A 115 4.52 -11.58 -6.77
N LEU A 116 3.73 -12.17 -7.66
CA LEU A 116 2.62 -11.46 -8.28
C LEU A 116 1.67 -10.99 -7.20
N SER A 117 1.05 -9.85 -7.45
CA SER A 117 0.00 -9.37 -6.57
C SER A 117 -1.20 -10.29 -6.63
N ARG A 118 -1.98 -10.29 -5.54
CA ARG A 118 -3.28 -10.94 -5.57
C ARG A 118 -4.17 -10.30 -6.62
N GLU A 119 -3.98 -9.01 -6.88
CA GLU A 119 -4.65 -8.39 -8.01
C GLU A 119 -4.23 -9.04 -9.32
N ALA A 120 -2.98 -9.51 -9.41
CA ALA A 120 -2.44 -10.05 -10.65
C ALA A 120 -2.51 -11.57 -10.76
N CYS A 121 -2.58 -12.30 -9.65
CA CYS A 121 -2.58 -13.76 -9.68
C CYS A 121 -4.01 -14.26 -9.51
N GLN A 122 -4.68 -14.51 -10.63
CA GLN A 122 -6.02 -15.08 -10.65
C GLN A 122 -6.17 -15.88 -11.95
N GLY A 123 -7.11 -16.84 -11.92
CA GLY A 123 -7.39 -17.77 -13.00
C GLY A 123 -6.23 -18.11 -13.92
N THR A 124 -6.41 -17.89 -15.22
CA THR A 124 -5.44 -18.19 -16.27
C THR A 124 -4.49 -17.02 -16.54
N SER A 125 -4.62 -15.93 -15.77
CA SER A 125 -3.81 -14.73 -15.99
C SER A 125 -2.30 -14.91 -15.78
N PRO A 126 -1.82 -15.62 -14.77
CA PRO A 126 -0.37 -15.65 -14.50
C PRO A 126 0.37 -16.45 -15.56
N PRO A 127 1.68 -16.30 -15.67
CA PRO A 127 2.43 -17.06 -16.68
C PRO A 127 2.47 -18.54 -16.36
N VAL A 128 3.09 -19.29 -17.26
CA VAL A 128 3.18 -20.74 -17.16
C VAL A 128 4.66 -21.12 -17.12
N VAL A 129 4.99 -22.07 -16.26
CA VAL A 129 6.36 -22.53 -16.11
C VAL A 129 6.42 -24.01 -16.44
N SER A 130 7.51 -24.42 -17.09
CA SER A 130 7.67 -25.83 -17.37
C SER A 130 8.32 -26.47 -16.17
N CYS A 131 7.63 -27.43 -15.56
CA CYS A 131 8.17 -28.07 -14.38
C CYS A 131 9.39 -28.93 -14.75
N TYR A 132 10.10 -29.35 -13.72
CA TYR A 132 11.31 -30.16 -13.86
C TYR A 132 11.64 -30.70 -12.49
N ASN A 133 12.17 -31.91 -12.42
CA ASN A 133 12.35 -32.52 -11.11
C ASN A 133 13.68 -32.04 -10.56
N ALA A 134 13.65 -30.89 -9.90
CA ALA A 134 14.85 -30.33 -9.31
C ALA A 134 15.26 -31.18 -8.12
N SER A 135 16.57 -31.38 -7.98
CA SER A 135 17.13 -32.11 -6.84
C SER A 135 16.66 -33.58 -6.83
N ASP A 136 16.33 -34.11 -8.00
CA ASP A 136 15.99 -35.51 -8.23
C ASP A 136 14.64 -35.94 -7.66
N HIS A 137 13.99 -35.07 -6.90
CA HIS A 137 12.59 -35.28 -6.54
C HIS A 137 11.74 -34.96 -7.75
N VAL A 138 10.65 -35.69 -7.93
CA VAL A 138 9.78 -35.47 -9.09
C VAL A 138 8.73 -34.42 -8.77
N TYR A 139 8.64 -33.40 -9.64
CA TYR A 139 7.72 -32.28 -9.53
C TYR A 139 6.69 -32.41 -10.66
N LYS A 140 5.56 -33.04 -10.38
CA LYS A 140 4.56 -33.20 -11.42
C LYS A 140 3.18 -32.73 -11.01
N GLY A 141 3.03 -32.16 -9.83
CA GLY A 141 1.79 -31.54 -9.43
C GLY A 141 1.84 -30.03 -9.56
N CYS A 142 0.66 -29.42 -9.56
CA CYS A 142 0.56 -27.98 -9.49
C CYS A 142 -0.06 -27.60 -8.16
N PHE A 143 0.28 -26.42 -7.69
CA PHE A 143 -0.15 -25.95 -6.38
C PHE A 143 -0.81 -24.58 -6.54
N ASP A 144 -1.99 -24.45 -5.96
CA ASP A 144 -2.63 -23.15 -5.81
C ASP A 144 -2.83 -22.88 -4.33
N GLY A 145 -2.23 -21.81 -3.84
CA GLY A 145 -2.41 -21.50 -2.42
C GLY A 145 -1.89 -20.13 -2.02
N ASN A 146 -1.43 -19.98 -0.77
CA ASN A 146 -1.18 -18.62 -0.26
C ASN A 146 -0.15 -18.67 0.86
N VAL A 147 0.43 -17.53 1.08
CA VAL A 147 1.37 -17.33 2.16
C VAL A 147 0.85 -16.14 2.96
N THR A 148 0.92 -16.26 4.28
CA THR A 148 0.51 -15.19 5.18
C THR A 148 1.55 -15.01 6.27
N LEU A 149 1.79 -13.74 6.63
CA LEU A 149 2.68 -13.37 7.74
C LEU A 149 1.96 -12.39 8.66
N THR A 150 2.01 -12.65 9.97
CA THR A 150 1.37 -11.81 10.98
C THR A 150 2.36 -11.39 12.06
N ALA A 151 2.46 -10.09 12.29
CA ALA A 151 3.35 -9.54 13.30
C ALA A 151 3.00 -8.07 13.48
N ALA A 152 3.27 -7.55 14.67
CA ALA A 152 2.94 -6.15 14.99
C ALA A 152 1.46 -5.85 14.71
N ASN A 153 0.59 -6.83 15.03
CA ASN A 153 -0.86 -6.67 14.88
C ASN A 153 -1.26 -6.31 13.44
N VAL A 154 -0.50 -6.74 12.45
CA VAL A 154 -0.90 -6.60 11.05
C VAL A 154 -0.56 -7.90 10.34
N THR A 155 -1.39 -8.27 9.38
CA THR A 155 -1.15 -9.48 8.60
C THR A 155 -1.05 -9.11 7.14
N VAL A 156 -0.06 -9.70 6.47
CA VAL A 156 0.20 -9.46 5.04
C VAL A 156 0.19 -10.81 4.33
N SER A 157 -0.46 -10.89 3.17
CA SER A 157 -0.61 -12.18 2.47
C SER A 157 -0.60 -11.98 0.97
N LEU A 158 -0.06 -12.95 0.25
CA LEU A 158 0.04 -13.02 -1.20
C LEU A 158 -0.27 -14.43 -1.68
N PRO A 159 -0.78 -14.57 -2.91
CA PRO A 159 -1.00 -15.92 -3.47
C PRO A 159 0.34 -16.58 -3.77
N VAL A 160 0.29 -17.91 -3.88
CA VAL A 160 1.46 -18.72 -4.22
C VAL A 160 1.00 -19.80 -5.18
N ARG A 161 1.70 -19.95 -6.31
CA ARG A 161 1.36 -20.95 -7.33
C ARG A 161 2.61 -21.49 -7.98
N GLY A 162 2.66 -22.80 -8.18
CA GLY A 162 3.79 -23.38 -8.88
C GLY A 162 3.77 -24.88 -8.91
N CYS A 163 4.94 -25.42 -9.21
CA CYS A 163 5.13 -26.86 -9.29
C CYS A 163 5.47 -27.42 -7.91
N VAL A 164 5.04 -28.66 -7.66
CA VAL A 164 5.18 -29.29 -6.35
C VAL A 164 5.35 -30.80 -6.54
N GLN A 165 5.89 -31.45 -5.51
CA GLN A 165 6.19 -32.88 -5.57
C GLN A 165 4.99 -33.75 -5.28
N ASP A 166 3.80 -33.19 -5.27
CA ASP A 166 2.61 -33.96 -4.91
C ASP A 166 1.45 -33.43 -5.71
N GLU A 167 0.70 -34.32 -6.35
CA GLU A 167 -0.46 -33.95 -7.15
C GLU A 167 -1.77 -34.10 -6.41
N PHE A 168 -1.73 -34.62 -5.18
CA PHE A 168 -2.94 -35.14 -4.56
C PHE A 168 -3.25 -34.49 -3.22
N CYS A 169 -2.49 -33.48 -2.83
CA CYS A 169 -2.75 -32.82 -1.57
C CYS A 169 -3.95 -31.90 -1.77
N THR A 170 -4.77 -31.79 -0.72
CA THR A 170 -5.96 -30.95 -0.69
C THR A 170 -5.94 -30.15 0.60
N ARG A 171 -5.83 -28.82 0.49
CA ARG A 171 -5.91 -27.95 1.67
C ARG A 171 -4.86 -28.35 2.71
N ASP A 172 -3.63 -28.49 2.24
CA ASP A 172 -2.48 -28.76 3.06
C ASP A 172 -1.88 -27.44 3.53
N GLY A 173 -0.92 -27.54 4.42
CA GLY A 173 -0.27 -26.34 4.92
C GLY A 173 0.91 -26.70 5.79
N VAL A 174 1.80 -25.73 5.95
CA VAL A 174 2.77 -25.71 7.03
C VAL A 174 2.58 -24.38 7.74
N THR A 175 3.02 -24.35 9.00
CA THR A 175 2.92 -23.15 9.83
C THR A 175 4.23 -22.89 10.57
N GLY A 176 4.52 -21.60 10.74
CA GLY A 176 5.59 -21.16 11.58
C GLY A 176 5.03 -20.06 12.45
N PRO A 177 5.88 -19.39 13.20
CA PRO A 177 5.38 -18.35 14.12
C PRO A 177 4.80 -17.17 13.34
N GLY A 178 3.49 -16.92 13.48
CA GLY A 178 2.81 -15.94 12.65
C GLY A 178 2.82 -16.22 11.15
N PHE A 179 3.03 -17.47 10.75
CA PHE A 179 3.29 -17.77 9.35
C PHE A 179 2.54 -19.01 8.89
N THR A 180 1.82 -18.90 7.76
CA THR A 180 1.23 -20.08 7.14
C THR A 180 1.57 -20.12 5.66
N LEU A 181 1.79 -21.31 5.15
CA LEU A 181 1.86 -21.58 3.72
C LEU A 181 0.92 -22.75 3.49
N SER A 182 -0.12 -22.53 2.68
CA SER A 182 -1.22 -23.50 2.57
C SER A 182 -1.86 -23.41 1.19
N GLY A 183 -2.37 -24.54 0.73
CA GLY A 183 -3.16 -24.56 -0.49
C GLY A 183 -3.45 -25.97 -0.92
N SER A 184 -3.73 -26.13 -2.20
CA SER A 184 -4.10 -27.43 -2.74
C SER A 184 -3.23 -27.79 -3.93
N CYS A 185 -3.21 -29.07 -4.22
CA CYS A 185 -2.47 -29.66 -5.31
C CYS A 185 -3.43 -30.09 -6.41
N CYS A 186 -2.90 -30.36 -7.59
CA CYS A 186 -3.73 -31.01 -8.59
C CYS A 186 -2.81 -31.68 -9.59
N GLN A 187 -3.38 -32.58 -10.38
CA GLN A 187 -2.67 -33.23 -11.47
C GLN A 187 -3.14 -32.68 -12.82
N GLY A 188 -2.24 -32.72 -13.80
CA GLY A 188 -2.57 -32.22 -15.12
C GLY A 188 -2.03 -30.81 -15.34
N SER A 189 -1.49 -30.56 -16.53
CA SER A 189 -0.87 -29.28 -16.78
C SER A 189 -1.87 -28.14 -16.66
N ARG A 190 -1.45 -27.08 -15.97
CA ARG A 190 -2.23 -25.86 -15.78
C ARG A 190 -3.56 -26.10 -15.05
N CYS A 191 -3.58 -27.08 -14.16
CA CYS A 191 -4.79 -27.35 -13.39
C CYS A 191 -4.92 -26.44 -12.17
N ASN A 192 -3.85 -25.76 -11.74
CA ASN A 192 -3.93 -24.87 -10.59
C ASN A 192 -4.46 -23.50 -10.99
N SER A 193 -5.37 -23.46 -11.97
CA SER A 193 -5.98 -22.18 -12.32
C SER A 193 -6.75 -21.61 -11.14
N ASP A 194 -7.34 -22.46 -10.31
CA ASP A 194 -8.22 -22.02 -9.22
C ASP A 194 -8.68 -23.21 -8.38
N LEU A 195 -8.03 -23.47 -7.24
CA LEU A 195 -8.33 -24.68 -6.50
C LEU A 195 -9.11 -24.42 -5.23
N ARG A 196 -9.56 -23.18 -5.01
CA ARG A 196 -10.26 -22.88 -3.76
C ARG A 196 -11.48 -23.78 -3.53
N ASN A 197 -12.04 -24.35 -4.59
CA ASN A 197 -13.19 -25.23 -4.48
C ASN A 197 -12.82 -26.66 -4.09
N LYS A 198 -11.53 -27.02 -4.06
CA LYS A 198 -11.16 -28.42 -3.90
C LYS A 198 -11.42 -28.92 -2.49
N THR A 199 -11.87 -30.16 -2.42
CA THR A 199 -12.50 -30.72 -1.22
C THR A 199 -12.70 -32.21 -1.46
N TYR A 200 -12.41 -33.05 -0.44
CA TYR A 200 -11.82 -32.70 0.86
C TYR A 200 -11.25 -33.96 1.52
N PHE A 201 -10.16 -33.79 2.29
CA PHE A 201 -9.60 -34.81 3.21
C PHE A 201 -9.22 -36.14 2.54
N LEU B 1 -32.31 13.53 -14.97
CA LEU B 1 -30.88 13.35 -14.94
C LEU B 1 -30.45 12.61 -13.67
N GLU B 2 -30.00 11.36 -13.85
CA GLU B 2 -29.57 10.51 -12.74
C GLU B 2 -28.06 10.38 -12.77
N CYS B 3 -27.41 10.58 -11.62
CA CYS B 3 -25.96 10.48 -11.58
C CYS B 3 -25.46 9.85 -10.30
N TYR B 4 -24.24 9.32 -10.37
CA TYR B 4 -23.60 8.73 -9.21
C TYR B 4 -23.33 9.80 -8.17
N SER B 5 -23.57 9.44 -6.91
CA SER B 5 -23.28 10.31 -5.78
C SER B 5 -22.32 9.55 -4.88
N CYS B 6 -21.18 10.17 -4.59
CA CYS B 6 -20.11 9.48 -3.91
C CYS B 6 -19.10 10.47 -3.38
N VAL B 7 -18.66 10.26 -2.14
CA VAL B 7 -17.53 10.99 -1.56
C VAL B 7 -16.40 10.01 -1.25
N GLN B 8 -15.16 10.46 -1.42
CA GLN B 8 -13.98 9.67 -1.07
C GLN B 8 -13.03 10.52 -0.22
N LYS B 9 -12.81 10.09 1.01
CA LYS B 9 -11.89 10.75 1.94
C LYS B 9 -10.71 9.82 2.20
N ALA B 10 -9.93 9.55 1.15
CA ALA B 10 -8.85 8.56 1.22
C ALA B 10 -9.34 7.24 1.80
N ASP B 11 -10.58 6.89 1.53
CA ASP B 11 -11.18 5.63 1.94
C ASP B 11 -11.66 4.88 0.68
N ASP B 12 -12.53 3.89 0.91
CA ASP B 12 -13.09 3.11 -0.19
C ASP B 12 -14.36 3.80 -0.66
N GLY B 13 -14.40 5.11 -0.46
CA GLY B 13 -15.55 5.91 -0.80
C GLY B 13 -16.07 5.68 -2.20
N CYS B 14 -15.37 6.11 -3.21
CA CYS B 14 -16.07 5.99 -4.43
C CYS B 14 -15.95 4.63 -4.97
N SER B 15 -16.20 3.71 -4.08
CA SER B 15 -16.11 2.33 -4.44
C SER B 15 -17.45 1.88 -4.92
N PRO B 16 -17.42 0.99 -5.89
CA PRO B 16 -18.51 0.33 -6.59
C PRO B 16 -19.64 0.00 -5.69
N ASN B 17 -19.39 -0.67 -4.57
CA ASN B 17 -20.48 -0.98 -3.71
C ASN B 17 -20.94 0.16 -2.82
N LYS B 18 -20.25 1.28 -2.80
CA LYS B 18 -20.65 2.42 -2.00
C LYS B 18 -21.30 3.50 -2.85
N MET B 19 -21.24 3.31 -4.16
CA MET B 19 -21.75 4.25 -5.13
C MET B 19 -23.26 4.41 -5.29
N LYS B 20 -23.82 5.34 -4.53
CA LYS B 20 -25.24 5.63 -4.60
C LYS B 20 -25.55 6.48 -5.84
N THR B 21 -26.78 6.42 -6.34
CA THR B 21 -27.13 7.19 -7.51
C THR B 21 -28.32 8.03 -7.26
N VAL B 22 -28.10 9.31 -7.20
CA VAL B 22 -29.09 10.36 -7.00
C VAL B 22 -29.53 10.89 -8.36
N LYS B 23 -30.76 11.40 -8.42
CA LYS B 23 -31.25 12.11 -9.59
C LYS B 23 -31.37 13.60 -9.27
N CYS B 24 -30.90 14.43 -10.19
CA CYS B 24 -30.61 15.83 -9.91
C CYS B 24 -31.89 16.65 -9.80
N ALA B 25 -31.73 17.87 -9.31
CA ALA B 25 -32.83 18.80 -9.26
C ALA B 25 -33.16 19.28 -10.67
N PRO B 26 -34.42 19.65 -10.92
CA PRO B 26 -34.77 20.15 -12.24
C PRO B 26 -33.93 21.37 -12.60
N GLY B 27 -33.67 21.53 -13.89
CA GLY B 27 -32.77 22.60 -14.26
C GLY B 27 -31.33 22.34 -13.93
N VAL B 28 -30.98 21.14 -13.46
CA VAL B 28 -29.60 20.69 -13.37
C VAL B 28 -29.33 19.82 -14.59
N ASP B 29 -28.38 20.24 -15.41
CA ASP B 29 -28.16 19.65 -16.72
C ASP B 29 -27.02 18.66 -16.74
N VAL B 30 -26.00 18.87 -15.92
CA VAL B 30 -24.77 18.10 -15.99
C VAL B 30 -24.58 17.33 -14.70
N CYS B 31 -23.58 16.46 -14.71
CA CYS B 31 -23.14 15.72 -13.53
C CYS B 31 -21.63 15.77 -13.46
N THR B 32 -21.12 16.03 -12.26
CA THR B 32 -19.73 16.40 -12.06
C THR B 32 -18.99 15.27 -11.36
N GLU B 33 -17.70 15.20 -11.64
CA GLU B 33 -16.80 14.26 -11.02
C GLU B 33 -15.48 14.97 -10.82
N ALA B 34 -14.98 14.95 -9.58
CA ALA B 34 -13.77 15.68 -9.20
C ALA B 34 -12.86 14.75 -8.42
N VAL B 35 -11.59 14.70 -8.80
CA VAL B 35 -10.62 13.86 -8.12
C VAL B 35 -9.39 14.71 -7.82
N GLY B 36 -8.97 14.70 -6.56
CA GLY B 36 -7.74 15.37 -6.19
C GLY B 36 -6.70 14.37 -5.70
N ALA B 37 -5.73 14.05 -6.54
CA ALA B 37 -4.62 13.23 -6.10
C ALA B 37 -3.59 14.11 -5.42
N VAL B 38 -3.08 13.64 -4.27
CA VAL B 38 -2.11 14.37 -3.46
C VAL B 38 -0.95 13.43 -3.15
N GLU B 39 0.26 13.90 -3.43
CA GLU B 39 1.45 13.06 -3.31
C GLU B 39 2.52 13.79 -2.53
N THR B 40 3.02 13.15 -1.50
CA THR B 40 4.26 13.51 -0.85
C THR B 40 5.33 12.57 -1.31
N ILE B 41 6.57 12.81 -0.86
CA ILE B 41 7.65 11.89 -1.23
C ILE B 41 7.58 10.64 -0.36
N HIS B 42 6.52 10.48 0.45
CA HIS B 42 6.28 9.24 1.16
C HIS B 42 4.91 8.61 0.90
N GLY B 43 4.13 9.11 -0.05
CA GLY B 43 2.79 8.57 -0.19
C GLY B 43 1.91 9.44 -1.07
N GLN B 44 0.78 8.86 -1.42
CA GLN B 44 -0.20 9.42 -2.31
C GLN B 44 -1.58 9.08 -1.76
N PHE B 45 -2.51 10.03 -1.83
CA PHE B 45 -3.89 9.69 -1.55
C PHE B 45 -4.77 10.60 -2.41
N SER B 46 -5.99 10.17 -2.69
CA SER B 46 -6.91 10.98 -3.49
C SER B 46 -8.20 11.26 -2.73
N LEU B 47 -8.69 12.49 -2.88
CA LEU B 47 -10.06 12.83 -2.53
C LEU B 47 -10.90 12.79 -3.79
N ALA B 48 -12.20 12.53 -3.64
CA ALA B 48 -13.06 12.48 -4.81
C ALA B 48 -14.50 12.76 -4.43
N VAL B 49 -15.21 13.45 -5.32
CA VAL B 49 -16.62 13.79 -5.15
C VAL B 49 -17.32 13.57 -6.49
N ARG B 50 -18.40 12.79 -6.47
CA ARG B 50 -19.26 12.60 -7.62
C ARG B 50 -20.69 12.96 -7.25
N GLY B 51 -21.37 13.68 -8.14
CA GLY B 51 -22.76 14.03 -7.93
C GLY B 51 -23.25 14.95 -9.04
N CYS B 52 -24.41 15.54 -8.77
CA CYS B 52 -25.01 16.49 -9.69
C CYS B 52 -24.22 17.79 -9.73
N GLY B 53 -24.16 18.41 -10.92
CA GLY B 53 -23.31 19.56 -11.15
C GLY B 53 -24.04 20.80 -11.60
N SER B 54 -23.33 21.70 -12.31
CA SER B 54 -23.96 22.87 -12.89
C SER B 54 -23.04 23.43 -13.97
N GLY B 55 -23.56 24.35 -14.76
CA GLY B 55 -22.69 24.81 -15.82
C GLY B 55 -22.60 23.80 -16.97
N LEU B 56 -21.55 24.01 -17.83
CA LEU B 56 -21.49 23.24 -19.07
C LEU B 56 -20.61 22.02 -18.90
N PRO B 57 -20.85 20.97 -19.71
CA PRO B 57 -19.89 19.87 -19.80
C PRO B 57 -18.49 20.36 -20.14
N GLY B 58 -17.52 19.51 -19.85
CA GLY B 58 -16.14 19.84 -20.12
C GLY B 58 -15.27 19.17 -19.08
N LYS B 59 -13.96 19.34 -19.26
CA LYS B 59 -12.99 18.71 -18.38
C LYS B 59 -11.83 19.67 -18.16
N ASN B 60 -11.51 19.89 -16.89
CA ASN B 60 -10.41 20.74 -16.45
C ASN B 60 -9.44 19.90 -15.64
N ASP B 61 -8.17 19.92 -16.04
CA ASP B 61 -7.11 19.25 -15.32
C ASP B 61 -6.06 20.26 -14.88
N ARG B 62 -5.48 20.03 -13.72
CA ARG B 62 -4.40 20.91 -13.27
C ARG B 62 -3.42 20.14 -12.41
N GLY B 63 -2.13 20.32 -12.69
CA GLY B 63 -1.07 19.83 -11.83
C GLY B 63 -0.48 20.96 -10.99
N LEU B 64 -0.25 20.66 -9.70
CA LEU B 64 0.24 21.65 -8.75
C LEU B 64 1.43 21.12 -7.94
N ASP B 65 2.31 22.04 -7.55
CA ASP B 65 3.50 21.75 -6.77
C ASP B 65 3.69 22.85 -5.72
N LEU B 66 3.40 22.52 -4.46
CA LEU B 66 3.59 23.40 -3.31
C LEU B 66 4.82 22.94 -2.54
N HIS B 67 5.94 23.64 -2.73
CA HIS B 67 7.20 23.28 -2.09
C HIS B 67 7.48 21.77 -2.07
N GLY B 68 7.04 21.05 -3.11
CA GLY B 68 7.38 19.64 -3.25
C GLY B 68 6.26 18.69 -2.87
N LEU B 69 5.16 19.20 -2.35
CA LEU B 69 3.91 18.44 -2.36
C LEU B 69 3.29 18.54 -3.75
N LEU B 70 2.93 17.41 -4.33
CA LEU B 70 2.35 17.40 -5.66
C LEU B 70 0.86 17.14 -5.54
N ALA B 71 0.11 17.81 -6.40
CA ALA B 71 -1.31 17.50 -6.51
C ALA B 71 -1.70 17.47 -7.98
N PHE B 72 -2.65 16.61 -8.31
CA PHE B 72 -3.22 16.55 -9.65
C PHE B 72 -4.72 16.51 -9.51
N ILE B 73 -5.41 17.48 -10.10
CA ILE B 73 -6.85 17.62 -9.94
C ILE B 73 -7.52 17.48 -11.30
N GLN B 74 -8.61 16.73 -11.33
CA GLN B 74 -9.41 16.55 -12.52
C GLN B 74 -10.85 16.84 -12.16
N LEU B 75 -11.50 17.66 -12.97
CA LEU B 75 -12.90 18.01 -12.76
C LEU B 75 -13.63 17.89 -14.08
N GLN B 76 -14.58 16.96 -14.16
CA GLN B 76 -15.29 16.67 -15.39
C GLN B 76 -16.80 16.71 -15.14
N GLN B 77 -17.53 17.23 -16.13
CA GLN B 77 -18.99 17.10 -16.17
C GLN B 77 -19.47 16.69 -17.56
N CYS B 78 -20.53 15.90 -17.56
CA CYS B 78 -21.19 15.38 -18.75
C CYS B 78 -22.69 15.56 -18.57
N ALA B 79 -23.44 15.38 -19.66
CA ALA B 79 -24.88 15.67 -19.62
C ALA B 79 -25.74 14.42 -19.80
N GLN B 80 -25.17 13.23 -19.57
CA GLN B 80 -25.86 11.95 -19.72
C GLN B 80 -26.07 11.26 -18.37
N ASP B 81 -26.80 10.16 -18.40
CA ASP B 81 -27.08 9.42 -17.19
C ASP B 81 -25.89 8.54 -16.81
N ARG B 82 -25.62 8.44 -15.51
CA ARG B 82 -24.56 7.58 -14.99
C ARG B 82 -23.25 7.81 -15.71
N CYS B 83 -22.95 9.09 -15.96
CA CYS B 83 -21.82 9.47 -16.80
C CYS B 83 -20.62 9.98 -16.02
N ASN B 84 -20.73 10.12 -14.69
CA ASN B 84 -19.74 10.82 -13.89
C ASN B 84 -18.89 9.88 -13.06
N ALA B 85 -18.58 8.69 -13.60
CA ALA B 85 -17.68 7.76 -12.95
C ALA B 85 -16.73 7.18 -14.00
N LYS B 86 -15.91 8.06 -14.58
CA LYS B 86 -14.99 7.66 -15.64
C LYS B 86 -13.53 8.06 -15.37
N LEU B 87 -13.23 8.65 -14.21
CA LEU B 87 -11.85 8.85 -13.78
C LEU B 87 -11.48 7.78 -12.76
N ASN B 88 -10.20 7.45 -12.68
CA ASN B 88 -9.73 6.55 -11.62
C ASN B 88 -9.32 7.36 -10.39
N LEU B 89 -9.52 6.77 -9.22
CA LEU B 89 -9.31 7.43 -7.93
C LEU B 89 -7.98 7.04 -7.30
N THR B 90 -6.93 7.07 -8.10
CA THR B 90 -5.59 6.76 -7.64
C THR B 90 -4.58 7.59 -8.43
N SER B 91 -4.48 7.33 -9.74
CA SER B 91 -3.58 8.01 -10.66
C SER B 91 -2.14 7.58 -10.41
N ARG B 92 -1.29 7.62 -11.44
CA ARG B 92 0.07 7.13 -11.33
C ARG B 92 0.91 8.05 -10.45
N ALA B 93 2.15 7.61 -10.18
CA ALA B 93 3.11 8.40 -9.40
C ALA B 93 3.41 9.71 -10.13
N LEU B 94 2.80 10.80 -9.66
CA LEU B 94 2.95 12.13 -10.27
C LEU B 94 4.43 12.51 -10.45
N GLU B 100 11.37 5.50 -9.70
CA GLU B 100 11.94 4.90 -8.48
C GLU B 100 12.82 5.89 -7.74
N SER B 101 13.08 5.61 -6.47
CA SER B 101 13.89 6.51 -5.65
C SER B 101 14.52 5.68 -4.53
N ALA B 102 15.72 5.16 -4.80
CA ALA B 102 16.58 4.59 -3.76
C ALA B 102 17.62 5.62 -3.32
N TYR B 103 17.10 6.74 -2.74
CA TYR B 103 17.85 7.88 -2.19
C TYR B 103 18.06 7.69 -0.70
N PRO B 104 19.27 7.82 -0.19
CA PRO B 104 19.48 7.61 1.23
C PRO B 104 18.77 8.70 2.00
N PRO B 105 18.16 8.39 3.13
CA PRO B 105 17.61 9.44 3.99
C PRO B 105 18.60 10.58 4.14
N ASN B 106 18.14 11.83 4.27
CA ASN B 106 19.10 12.93 4.33
C ASN B 106 19.26 13.52 5.72
N GLY B 107 18.69 12.91 6.76
CA GLY B 107 18.83 13.38 8.12
C GLY B 107 17.58 14.01 8.73
N VAL B 108 16.77 14.71 7.93
CA VAL B 108 15.57 15.36 8.45
C VAL B 108 14.44 14.34 8.58
N GLU B 109 13.62 14.49 9.65
CA GLU B 109 12.41 13.67 9.87
C GLU B 109 11.19 14.55 10.10
N CYS B 110 10.02 14.05 9.68
CA CYS B 110 8.76 14.77 9.75
C CYS B 110 7.62 13.82 10.05
N TYR B 111 6.58 14.36 10.67
CA TYR B 111 5.34 13.62 10.76
C TYR B 111 4.71 13.52 9.38
N SER B 112 3.98 12.42 9.17
CA SER B 112 3.48 12.04 7.85
C SER B 112 2.00 11.69 7.97
N CYS B 113 1.15 12.49 7.32
CA CYS B 113 -0.27 12.17 7.09
C CYS B 113 -0.48 12.20 5.58
N VAL B 114 -0.78 11.04 5.00
CA VAL B 114 -1.15 10.95 3.59
C VAL B 114 -2.33 10.01 3.47
N GLY B 115 -3.42 10.34 4.14
CA GLY B 115 -4.61 9.52 4.13
C GLY B 115 -5.25 9.44 5.48
N LEU B 116 -4.44 9.65 6.54
CA LEU B 116 -4.93 9.64 7.91
C LEU B 116 -6.12 10.57 8.04
N SER B 117 -7.09 10.19 8.86
CA SER B 117 -8.24 11.05 9.05
C SER B 117 -7.81 12.30 9.83
N ARG B 118 -8.74 13.25 9.97
CA ARG B 118 -8.41 14.41 10.80
C ARG B 118 -8.37 14.06 12.27
N GLU B 119 -9.10 13.01 12.68
CA GLU B 119 -9.08 12.58 14.08
C GLU B 119 -7.70 12.02 14.46
N ALA B 120 -7.19 11.05 13.68
CA ALA B 120 -5.76 10.77 13.69
C ALA B 120 -5.08 12.02 13.16
N CYS B 121 -3.75 12.04 13.15
CA CYS B 121 -3.03 13.20 12.61
C CYS B 121 -3.33 14.46 13.43
N GLN B 122 -2.99 14.37 14.72
CA GLN B 122 -2.99 15.47 15.66
C GLN B 122 -1.68 15.43 16.43
N GLY B 123 -1.08 16.61 16.61
CA GLY B 123 0.15 16.70 17.39
C GLY B 123 1.18 15.66 16.96
N THR B 124 1.68 14.91 17.96
CA THR B 124 2.79 13.98 17.77
C THR B 124 2.34 12.55 17.42
N SER B 125 1.04 12.31 17.25
CA SER B 125 0.50 10.99 16.97
C SER B 125 0.91 10.36 15.63
N PRO B 126 0.90 11.07 14.50
CA PRO B 126 1.20 10.42 13.20
C PRO B 126 2.58 9.80 13.23
N PRO B 127 2.89 8.88 12.32
CA PRO B 127 4.24 8.31 12.27
C PRO B 127 5.22 9.30 11.70
N VAL B 128 6.49 9.01 11.89
CA VAL B 128 7.55 9.88 11.38
C VAL B 128 8.21 9.19 10.19
N VAL B 129 8.54 9.98 9.18
CA VAL B 129 9.18 9.48 7.96
C VAL B 129 10.53 10.18 7.84
N SER B 130 11.41 9.57 7.08
CA SER B 130 12.74 10.08 6.87
C SER B 130 12.79 10.74 5.51
N CYS B 131 13.18 12.00 5.49
CA CYS B 131 13.24 12.76 4.24
C CYS B 131 14.43 12.31 3.38
N TYR B 132 14.32 12.59 2.09
CA TYR B 132 15.43 12.32 1.19
C TYR B 132 15.32 13.27 0.01
N ASN B 133 16.43 13.38 -0.73
CA ASN B 133 16.53 14.35 -1.83
C ASN B 133 15.83 13.84 -3.09
N ALA B 134 14.52 13.65 -2.96
CA ALA B 134 13.70 13.06 -4.02
C ALA B 134 13.81 13.88 -5.31
N SER B 135 14.16 13.19 -6.40
CA SER B 135 14.37 13.81 -7.72
C SER B 135 15.46 14.89 -7.66
N ASP B 136 16.47 14.68 -6.82
CA ASP B 136 17.57 15.62 -6.63
C ASP B 136 17.08 17.01 -6.22
N HIS B 137 15.96 17.09 -5.51
CA HIS B 137 15.57 18.29 -4.79
C HIS B 137 15.90 18.09 -3.32
N VAL B 138 16.31 19.15 -2.65
CA VAL B 138 16.58 19.07 -1.22
C VAL B 138 15.25 19.10 -0.47
N TYR B 139 14.96 18.05 0.28
CA TYR B 139 13.76 18.01 1.11
C TYR B 139 14.22 18.16 2.56
N LYS B 140 14.33 19.41 3.00
CA LYS B 140 14.91 19.76 4.29
C LYS B 140 13.89 20.21 5.32
N GLY B 141 12.62 20.34 4.93
CA GLY B 141 11.64 21.04 5.73
C GLY B 141 10.50 20.09 6.06
N CYS B 142 9.65 20.53 6.99
CA CYS B 142 8.46 19.77 7.32
C CYS B 142 7.25 20.69 7.16
N PHE B 143 6.13 20.06 6.82
CA PHE B 143 4.92 20.76 6.42
C PHE B 143 3.75 20.23 7.25
N ASP B 144 2.80 21.12 7.52
CA ASP B 144 1.56 20.75 8.19
C ASP B 144 0.45 21.56 7.52
N GLY B 145 -0.57 20.90 7.01
CA GLY B 145 -1.54 21.60 6.16
C GLY B 145 -2.82 20.85 5.84
N ASN B 146 -3.52 21.35 4.82
CA ASN B 146 -4.83 20.82 4.49
C ASN B 146 -5.03 20.80 2.99
N VAL B 147 -5.82 19.82 2.57
CA VAL B 147 -6.25 19.71 1.20
C VAL B 147 -7.76 19.59 1.23
N THR B 148 -8.43 20.34 0.34
CA THR B 148 -9.88 20.36 0.29
C THR B 148 -10.33 20.27 -1.15
N LEU B 149 -11.44 19.57 -1.38
CA LEU B 149 -11.99 19.38 -2.70
C LEU B 149 -13.46 19.71 -2.63
N THR B 150 -13.93 20.55 -3.54
CA THR B 150 -15.32 20.96 -3.54
C THR B 150 -15.93 20.72 -4.91
N ALA B 151 -17.06 20.02 -4.92
CA ALA B 151 -17.87 19.83 -6.11
C ALA B 151 -19.24 19.34 -5.67
N ALA B 152 -20.24 19.62 -6.49
CA ALA B 152 -21.59 19.09 -6.28
C ALA B 152 -22.12 19.46 -4.90
N ASN B 153 -21.86 20.71 -4.49
CA ASN B 153 -22.42 21.31 -3.28
C ASN B 153 -21.95 20.62 -2.01
N VAL B 154 -20.87 19.85 -2.09
CA VAL B 154 -20.31 19.19 -0.93
C VAL B 154 -18.82 19.42 -0.95
N THR B 155 -18.20 19.38 0.23
CA THR B 155 -16.78 19.62 0.31
C THR B 155 -16.11 18.66 1.30
N VAL B 156 -14.98 18.08 0.89
CA VAL B 156 -14.25 17.14 1.73
C VAL B 156 -12.83 17.65 1.96
N SER B 157 -12.24 17.22 3.07
CA SER B 157 -10.94 17.76 3.44
C SER B 157 -10.18 16.73 4.25
N LEU B 158 -8.85 16.87 4.26
CA LEU B 158 -8.02 15.97 5.02
C LEU B 158 -6.77 16.75 5.39
N PRO B 159 -6.21 16.52 6.58
CA PRO B 159 -4.92 17.13 6.89
C PRO B 159 -3.87 16.55 5.96
N VAL B 160 -2.74 17.23 5.84
CA VAL B 160 -1.64 16.74 5.03
C VAL B 160 -0.34 17.16 5.71
N ARG B 161 0.58 16.21 5.87
CA ARG B 161 1.85 16.37 6.56
C ARG B 161 2.95 15.62 5.82
N GLY B 162 4.13 16.23 5.70
CA GLY B 162 5.25 15.53 5.11
C GLY B 162 6.45 16.42 4.90
N CYS B 163 7.50 15.83 4.32
CA CYS B 163 8.71 16.56 4.01
C CYS B 163 8.46 17.56 2.91
N VAL B 164 9.23 18.66 2.90
CA VAL B 164 9.12 19.62 1.82
C VAL B 164 10.47 20.25 1.59
N GLN B 165 10.55 21.10 0.58
CA GLN B 165 11.78 21.74 0.15
C GLN B 165 12.02 23.09 0.79
N ASP B 166 11.03 23.63 1.50
CA ASP B 166 11.12 24.92 2.13
C ASP B 166 10.88 24.73 3.62
N GLU B 167 11.67 25.42 4.42
CA GLU B 167 11.56 25.34 5.88
C GLU B 167 10.84 26.51 6.53
N PHE B 168 10.57 27.59 5.81
CA PHE B 168 10.13 28.81 6.46
C PHE B 168 8.80 29.35 5.97
N CYS B 169 8.20 28.78 4.92
CA CYS B 169 6.89 29.19 4.48
C CYS B 169 5.89 29.14 5.64
N THR B 170 5.02 30.13 5.68
CA THR B 170 3.90 30.23 6.60
C THR B 170 2.64 30.51 5.76
N ARG B 171 1.65 29.64 5.89
CA ARG B 171 0.34 29.87 5.28
C ARG B 171 0.41 30.18 3.79
N ASP B 172 1.19 29.36 3.07
CA ASP B 172 1.22 29.30 1.61
C ASP B 172 0.11 28.39 1.10
N GLY B 173 -0.27 28.58 -0.16
CA GLY B 173 -1.36 27.80 -0.75
C GLY B 173 -1.27 27.81 -2.26
N VAL B 174 -1.77 26.73 -2.87
CA VAL B 174 -2.05 26.67 -4.31
C VAL B 174 -3.53 26.30 -4.48
N THR B 175 -4.07 26.63 -5.65
CA THR B 175 -5.45 26.29 -5.99
C THR B 175 -5.54 25.67 -7.37
N GLY B 176 -6.52 24.79 -7.54
CA GLY B 176 -6.98 24.39 -8.85
C GLY B 176 -8.48 24.31 -8.81
N PRO B 177 -9.13 23.82 -9.86
CA PRO B 177 -10.60 23.86 -9.89
C PRO B 177 -11.23 23.08 -8.73
N GLY B 178 -11.96 23.81 -7.88
CA GLY B 178 -12.58 23.23 -6.69
C GLY B 178 -11.58 22.68 -5.70
N PHE B 179 -10.37 23.23 -5.66
CA PHE B 179 -9.31 22.52 -4.96
C PHE B 179 -8.37 23.49 -4.27
N THR B 180 -7.95 23.11 -3.07
CA THR B 180 -7.05 23.90 -2.26
C THR B 180 -6.06 22.97 -1.56
N LEU B 181 -4.79 23.38 -1.57
CA LEU B 181 -3.69 22.75 -0.83
C LEU B 181 -2.93 23.87 -0.14
N SER B 182 -2.97 23.91 1.19
CA SER B 182 -2.31 25.00 1.90
C SER B 182 -1.79 24.48 3.23
N GLY B 183 -0.81 25.20 3.78
CA GLY B 183 -0.29 24.91 5.12
C GLY B 183 0.96 25.71 5.42
N SER B 184 1.76 25.19 6.33
CA SER B 184 2.97 25.90 6.74
C SER B 184 4.14 24.94 6.77
N CYS B 185 5.33 25.52 6.65
CA CYS B 185 6.59 24.82 6.75
C CYS B 185 7.23 25.08 8.11
N CYS B 186 8.25 24.29 8.42
CA CYS B 186 9.00 24.50 9.65
C CYS B 186 10.39 23.88 9.48
N GLN B 187 11.31 24.33 10.33
CA GLN B 187 12.73 23.96 10.18
C GLN B 187 13.06 22.58 10.72
N GLY B 188 12.97 22.39 12.01
CA GLY B 188 13.65 21.24 12.61
C GLY B 188 12.97 19.87 12.41
N SER B 189 13.68 18.81 12.76
CA SER B 189 13.06 17.50 12.65
C SER B 189 11.87 17.40 13.61
N ARG B 190 10.78 16.84 13.11
CA ARG B 190 9.58 16.62 13.92
C ARG B 190 8.91 17.93 14.33
N CYS B 191 9.07 18.99 13.52
CA CYS B 191 8.51 20.27 13.92
C CYS B 191 7.06 20.44 13.48
N ASN B 192 6.57 19.66 12.51
CA ASN B 192 5.19 19.73 12.03
C ASN B 192 4.21 18.96 12.90
N SER B 193 4.42 19.00 14.21
CA SER B 193 3.43 18.49 15.16
C SER B 193 2.16 19.34 15.15
N ASP B 194 2.29 20.64 14.90
CA ASP B 194 1.16 21.55 14.98
C ASP B 194 1.58 22.98 14.66
N LEU B 195 1.48 23.36 13.39
CA LEU B 195 1.83 24.70 12.96
C LEU B 195 0.60 25.55 12.64
N ARG B 196 -0.58 25.16 13.12
CA ARG B 196 -1.73 25.97 12.80
C ARG B 196 -1.79 27.26 13.61
N ASN B 197 -0.95 27.41 14.62
CA ASN B 197 -0.80 28.70 15.27
C ASN B 197 0.43 29.44 14.76
N LYS B 198 1.16 28.90 13.80
CA LYS B 198 2.30 29.64 13.25
C LYS B 198 1.79 30.87 12.53
N THR B 199 2.43 32.00 12.82
CA THR B 199 1.95 33.28 12.35
C THR B 199 3.16 34.19 12.20
N TYR B 200 3.04 35.13 11.25
CA TYR B 200 3.96 36.25 11.14
C TYR B 200 3.48 37.28 10.11
#